data_5E4E
#
_entry.id   5E4E
#
_cell.length_a   62.590
_cell.length_b   69.370
_cell.length_c   186.800
_cell.angle_alpha   90.00
_cell.angle_beta   90.00
_cell.angle_gamma   90.00
#
_symmetry.space_group_name_H-M   'P 21 2 21'
#
loop_
_entity.id
_entity.type
_entity.pdbx_description
1 polymer Interleukin-13
2 polymer 'Interleukin-4 receptor subunit alpha'
3 polymer 'Interleukin-13 receptor subunit alpha-1'
4 non-polymer 'SULFATE ION'
5 non-polymer 2-acetamido-2-deoxy-beta-D-glucopyranose
#
loop_
_entity_poly.entity_id
_entity_poly.type
_entity_poly.pdbx_seq_one_letter_code
_entity_poly.pdbx_strand_id
1 'polypeptide(L)'
;PGPVPPSTAVRELIEELINITQNQKAPLCNGSMVWSINRTAGMYCAALESLINVSGCSAIEKTQRMLSGFCPHKVSAGQF
SSLHVRSSKIEVAQFVKDLLFHLRTLFREGQFN
;
A
2 'polypeptide(L)'
;MKVLQEPTCVSDYMSISTCEWKMNGPTNCSTELRLLYQLVFLLSEAHTCIPENNGGAGCVCHLLMDDVVSADNYTLDLWA
GQQLLWKGSFKPSEHVKPRAPGNLTVHTNVSDTLLLTWSNPYPPDNYLYNHLTYAVNIWSENDPADFRIYNVTYLEPSLR
IAASTLKSGISYRARVRAWAQCYNTTWSEWSPSTKWHNSYREP
;
B
3 'polypeptide(L)'
;GGGAAPTETQPPVTNLSVSVENLCTVIWTWNPPEGASSNCSLWYFSHFGDKQDKKIAPETRRSIEVPLNERICLQVGSQC
STNESEKPSILVEKCISPPEGDPESAVTELQCIWHNLSYMKCSWLPGRNTSPDTNYTLYYWHRSLEKIHQCENIFREGQY
FGCSFDLTKVKDSSFEQHSVQIMVKDNAGKIKPSFNIVPLTSRVKPDPPHIKNLSFHNDDLYVQWENPQNFISRCLFYEV
EVNNSQTETHNVFYVQEAKCENPEFERNVENTSCFMVPGVLPDTLNTVRIRVKTNKLCYEDDKLWSNWSQEMSIGKKR
;
C
#
# COMPACT_ATOMS: atom_id res chain seq x y z
N PRO A 1 6.51 12.66 -14.38
CA PRO A 1 5.36 11.77 -14.20
C PRO A 1 4.02 12.46 -14.45
N GLY A 2 3.87 13.68 -13.92
CA GLY A 2 2.65 14.43 -14.09
C GLY A 2 2.52 15.51 -13.02
N PRO A 3 1.29 16.00 -12.81
CA PRO A 3 1.03 17.02 -11.78
C PRO A 3 1.33 16.47 -10.39
N VAL A 4 1.74 17.35 -9.47
CA VAL A 4 2.09 16.93 -8.12
C VAL A 4 0.88 16.33 -7.41
N PRO A 5 0.95 15.04 -7.08
CA PRO A 5 -0.18 14.32 -6.46
C PRO A 5 -0.30 14.62 -4.98
N PRO A 6 -1.54 14.68 -4.47
CA PRO A 6 -1.75 14.81 -3.02
C PRO A 6 -1.23 13.57 -2.29
N SER A 7 -0.77 13.73 -1.05
CA SER A 7 -0.22 12.64 -0.28
C SER A 7 -1.26 11.53 -0.08
N THR A 8 -2.50 11.94 0.12
CA THR A 8 -3.59 11.00 0.35
C THR A 8 -3.91 10.20 -0.91
N ALA A 9 -3.81 10.84 -2.07
CA ALA A 9 -4.13 10.20 -3.34
C ALA A 9 -3.11 9.13 -3.70
N VAL A 10 -1.85 9.39 -3.36
CA VAL A 10 -0.78 8.42 -3.60
C VAL A 10 -0.93 7.24 -2.66
N ARG A 11 -1.08 7.52 -1.38
CA ARG A 11 -1.23 6.48 -0.36
C ARG A 11 -2.46 5.61 -0.64
N GLU A 12 -3.50 6.22 -1.20
CA GLU A 12 -4.71 5.50 -1.51
C GLU A 12 -4.51 4.56 -2.69
N LEU A 13 -3.85 5.06 -3.73
CA LEU A 13 -3.58 4.26 -4.92
C LEU A 13 -2.62 3.11 -4.60
N ILE A 14 -1.59 3.42 -3.81
CA ILE A 14 -0.65 2.39 -3.38
C ILE A 14 -1.36 1.29 -2.62
N GLU A 15 -2.20 1.70 -1.68
CA GLU A 15 -2.94 0.77 -0.83
C GLU A 15 -3.91 -0.09 -1.64
N GLU A 16 -4.45 0.48 -2.72
CA GLU A 16 -5.37 -0.24 -3.59
C GLU A 16 -4.66 -1.28 -4.43
N LEU A 17 -3.48 -0.93 -4.95
CA LEU A 17 -2.69 -1.84 -5.76
C LEU A 17 -2.25 -3.06 -4.94
N ILE A 18 -1.96 -2.84 -3.67
CA ILE A 18 -1.58 -3.91 -2.77
C ILE A 18 -2.76 -4.81 -2.46
N ASN A 19 -3.92 -4.20 -2.25
CA ASN A 19 -5.15 -4.93 -1.98
C ASN A 19 -5.52 -5.87 -3.14
N ILE A 20 -5.23 -5.44 -4.36
CA ILE A 20 -5.53 -6.23 -5.56
C ILE A 20 -4.67 -7.49 -5.64
N THR A 21 -3.38 -7.34 -5.33
CA THR A 21 -2.43 -8.44 -5.48
C THR A 21 -2.52 -9.48 -4.37
N GLN A 22 -3.59 -9.44 -3.59
CA GLN A 22 -3.79 -10.40 -2.51
C GLN A 22 -4.89 -11.40 -2.82
N ASN A 23 -4.50 -12.54 -3.40
CA ASN A 23 -5.45 -13.59 -3.73
C ASN A 23 -4.76 -14.93 -3.91
N ALA A 26 -5.95 -17.09 -7.94
CA ALA A 26 -6.80 -16.48 -8.94
C ALA A 26 -6.07 -15.38 -9.69
N PRO A 27 -5.97 -15.50 -11.03
CA PRO A 27 -5.29 -14.52 -11.88
C PRO A 27 -6.06 -13.21 -11.99
N LEU A 28 -5.34 -12.09 -11.95
CA LEU A 28 -5.96 -10.77 -12.04
C LEU A 28 -6.47 -10.49 -13.46
N CYS A 29 -7.74 -10.12 -13.54
CA CYS A 29 -8.40 -9.81 -14.82
C CYS A 29 -8.34 -10.97 -15.80
N ASN A 30 -8.25 -12.19 -15.26
CA ASN A 30 -8.21 -13.42 -16.05
C ASN A 30 -7.15 -13.42 -17.14
N GLY A 31 -5.99 -12.86 -16.83
CA GLY A 31 -4.86 -12.88 -17.74
C GLY A 31 -4.96 -11.92 -18.90
N SER A 32 -5.74 -10.85 -18.74
CA SER A 32 -5.82 -9.81 -19.74
C SER A 32 -4.46 -9.13 -19.86
N MET A 33 -4.13 -8.65 -21.06
CA MET A 33 -2.80 -8.09 -21.30
C MET A 33 -2.84 -6.64 -21.75
N VAL A 34 -1.91 -5.85 -21.22
CA VAL A 34 -1.82 -4.42 -21.53
C VAL A 34 -0.39 -4.00 -21.80
N TRP A 35 -0.23 -2.84 -22.42
CA TRP A 35 1.10 -2.30 -22.71
C TRP A 35 1.84 -1.91 -21.45
N SER A 36 3.12 -2.23 -21.39
CA SER A 36 3.96 -1.90 -20.24
C SER A 36 4.46 -0.47 -20.32
N ILE A 37 5.01 0.02 -19.21
CA ILE A 37 5.52 1.39 -19.14
C ILE A 37 7.04 1.40 -19.14
N ASN A 38 7.63 2.32 -19.89
CA ASN A 38 9.07 2.37 -20.06
C ASN A 38 9.75 3.45 -19.21
N ARG A 39 9.14 4.63 -19.15
CA ARG A 39 9.71 5.74 -18.42
C ARG A 39 8.75 6.32 -17.39
N THR A 40 9.30 6.98 -16.38
CA THR A 40 8.49 7.63 -15.35
C THR A 40 8.32 9.12 -15.67
N ALA A 41 8.55 9.48 -16.93
CA ALA A 41 8.45 10.88 -17.35
C ALA A 41 7.00 11.31 -17.55
N GLY A 42 6.16 10.35 -17.94
CA GLY A 42 4.74 10.62 -18.11
C GLY A 42 3.93 9.35 -17.92
N MET A 43 4.25 8.61 -16.87
CA MET A 43 3.63 7.32 -16.63
C MET A 43 2.23 7.44 -16.03
N TYR A 44 1.94 8.58 -15.42
CA TYR A 44 0.64 8.79 -14.78
C TYR A 44 -0.49 8.74 -15.79
N CYS A 45 -0.24 9.23 -17.00
CA CYS A 45 -1.21 9.13 -18.07
C CYS A 45 -1.02 7.84 -18.86
N ALA A 46 0.24 7.40 -18.94
CA ALA A 46 0.57 6.18 -19.67
C ALA A 46 -0.04 4.95 -19.00
N ALA A 47 -0.06 4.94 -17.68
CA ALA A 47 -0.66 3.84 -16.93
C ALA A 47 -2.16 3.80 -17.17
N LEU A 48 -2.78 4.96 -17.19
CA LEU A 48 -4.23 5.06 -17.40
C LEU A 48 -4.58 4.70 -18.84
N GLU A 49 -3.81 5.22 -19.78
CA GLU A 49 -4.04 4.93 -21.20
C GLU A 49 -3.85 3.46 -21.52
N SER A 50 -3.07 2.77 -20.68
CA SER A 50 -2.82 1.34 -20.87
C SER A 50 -3.90 0.51 -20.21
N LEU A 51 -4.27 0.87 -18.99
CA LEU A 51 -5.27 0.12 -18.23
C LEU A 51 -6.69 0.35 -18.72
N ILE A 52 -6.90 1.42 -19.47
CA ILE A 52 -8.23 1.77 -19.94
C ILE A 52 -8.69 0.80 -21.03
N ASN A 53 -7.73 0.09 -21.62
CA ASN A 53 -8.05 -0.88 -22.65
C ASN A 53 -8.58 -2.19 -22.08
N VAL A 54 -8.62 -2.28 -20.75
CA VAL A 54 -9.23 -3.43 -20.08
C VAL A 54 -10.73 -3.19 -19.96
N SER A 55 -11.51 -4.14 -20.46
CA SER A 55 -12.96 -3.94 -20.62
C SER A 55 -13.79 -4.55 -19.49
N GLY A 56 -13.63 -5.85 -19.26
CA GLY A 56 -14.51 -6.57 -18.35
C GLY A 56 -13.98 -6.89 -16.97
N CYS A 57 -12.84 -6.31 -16.60
CA CYS A 57 -12.27 -6.55 -15.29
C CYS A 57 -12.81 -5.55 -14.26
N SER A 58 -13.46 -6.08 -13.24
CA SER A 58 -14.08 -5.23 -12.21
C SER A 58 -13.10 -4.86 -11.10
N ALA A 59 -12.06 -5.68 -10.91
CA ALA A 59 -11.10 -5.48 -9.83
C ALA A 59 -10.20 -4.29 -10.08
N ILE A 60 -10.00 -3.95 -11.35
CA ILE A 60 -9.11 -2.86 -11.74
C ILE A 60 -9.87 -1.55 -11.88
N GLU A 61 -11.18 -1.60 -11.69
CA GLU A 61 -12.04 -0.45 -11.90
C GLU A 61 -11.74 0.70 -10.94
N LYS A 62 -11.52 0.37 -9.67
CA LYS A 62 -11.19 1.38 -8.68
C LYS A 62 -9.83 2.02 -8.97
N THR A 63 -8.90 1.20 -9.45
CA THR A 63 -7.57 1.69 -9.81
C THR A 63 -7.64 2.65 -11.00
N GLN A 64 -8.46 2.29 -11.99
CA GLN A 64 -8.65 3.13 -13.17
C GLN A 64 -9.24 4.49 -12.81
N ARG A 65 -10.10 4.51 -11.81
CA ARG A 65 -10.73 5.76 -11.39
C ARG A 65 -9.76 6.65 -10.61
N MET A 66 -8.75 6.03 -10.01
CA MET A 66 -7.76 6.78 -9.25
C MET A 66 -6.76 7.47 -10.16
N LEU A 67 -6.38 6.81 -11.24
CA LEU A 67 -5.40 7.35 -12.18
C LEU A 67 -5.94 8.55 -12.94
N SER A 68 -7.26 8.69 -12.98
CA SER A 68 -7.90 9.78 -13.69
C SER A 68 -7.57 11.14 -13.07
N GLY A 69 -7.37 11.16 -11.76
CA GLY A 69 -7.05 12.39 -11.06
C GLY A 69 -5.58 12.75 -11.15
N PHE A 70 -4.77 11.79 -11.58
CA PHE A 70 -3.34 12.01 -11.73
C PHE A 70 -3.00 12.46 -13.15
N CYS A 71 -3.94 12.26 -14.07
CA CYS A 71 -3.74 12.69 -15.45
C CYS A 71 -4.49 13.99 -15.72
N PRO A 72 -3.79 14.99 -16.26
CA PRO A 72 -4.37 16.31 -16.55
C PRO A 72 -5.46 16.27 -17.62
N HIS A 73 -5.13 15.71 -18.79
CA HIS A 73 -6.09 15.65 -19.89
C HIS A 73 -7.02 14.45 -19.77
N LYS A 74 -8.00 14.38 -20.67
CA LYS A 74 -8.94 13.26 -20.69
C LYS A 74 -8.33 12.04 -21.37
N VAL A 75 -8.74 10.86 -20.93
CA VAL A 75 -8.20 9.61 -21.45
C VAL A 75 -9.32 8.66 -21.89
N SER A 76 -9.26 8.21 -23.13
CA SER A 76 -10.21 7.22 -23.63
C SER A 76 -9.49 5.96 -24.11
N ALA A 77 -10.25 4.97 -24.55
CA ALA A 77 -9.67 3.69 -24.96
C ALA A 77 -8.96 3.79 -26.30
N GLY A 78 -7.78 3.20 -26.39
CA GLY A 78 -7.02 3.16 -27.62
C GLY A 78 -6.26 4.44 -27.91
N GLN A 79 -5.46 4.89 -26.95
CA GLN A 79 -4.69 6.11 -27.11
C GLN A 79 -3.19 5.89 -26.87
N PHE A 80 -2.86 4.74 -26.28
CA PHE A 80 -1.48 4.46 -25.87
C PHE A 80 -0.52 4.35 -27.05
N SER A 81 -0.97 3.70 -28.12
CA SER A 81 -0.11 3.44 -29.28
C SER A 81 0.38 4.72 -29.96
N SER A 82 -0.44 5.76 -29.90
CA SER A 82 -0.14 7.01 -30.58
C SER A 82 0.76 7.94 -29.77
N LEU A 83 0.59 7.91 -28.45
CA LEU A 83 1.29 8.85 -27.58
C LEU A 83 2.52 8.24 -26.89
N HIS A 84 2.65 6.92 -26.95
CA HIS A 84 3.76 6.24 -26.28
C HIS A 84 4.35 5.13 -27.12
N VAL A 85 5.61 4.81 -26.85
CA VAL A 85 6.31 3.74 -27.55
C VAL A 85 5.81 2.36 -27.11
N ARG A 86 5.41 1.55 -28.08
CA ARG A 86 4.94 0.20 -27.81
C ARG A 86 6.11 -0.76 -27.66
N SER A 87 6.47 -1.07 -26.42
CA SER A 87 7.62 -1.92 -26.15
C SER A 87 7.24 -3.39 -25.97
N SER A 88 6.27 -3.65 -25.09
CA SER A 88 5.83 -5.01 -24.82
C SER A 88 4.50 -5.03 -24.09
N LYS A 89 3.71 -6.09 -24.32
CA LYS A 89 2.46 -6.28 -23.61
C LYS A 89 2.61 -7.31 -22.50
N ILE A 90 2.11 -6.97 -21.31
CA ILE A 90 2.22 -7.84 -20.15
C ILE A 90 0.87 -8.02 -19.48
N GLU A 91 0.78 -8.97 -18.56
CA GLU A 91 -0.45 -9.19 -17.82
C GLU A 91 -0.71 -8.03 -16.86
N VAL A 92 -1.98 -7.82 -16.52
CA VAL A 92 -2.37 -6.74 -15.63
C VAL A 92 -1.73 -6.90 -14.25
N ALA A 93 -1.60 -8.15 -13.82
CA ALA A 93 -0.97 -8.46 -12.53
C ALA A 93 0.47 -7.94 -12.50
N GLN A 94 1.22 -8.17 -13.57
CA GLN A 94 2.59 -7.68 -13.68
C GLN A 94 2.60 -6.17 -13.80
N PHE A 95 1.60 -5.63 -14.49
CA PHE A 95 1.47 -4.19 -14.68
C PHE A 95 1.28 -3.47 -13.34
N VAL A 96 0.43 -4.04 -12.49
CA VAL A 96 0.15 -3.47 -11.19
C VAL A 96 1.38 -3.50 -10.29
N LYS A 97 2.10 -4.62 -10.31
CA LYS A 97 3.30 -4.78 -9.49
C LYS A 97 4.37 -3.76 -9.88
N ASP A 98 4.53 -3.54 -11.18
CA ASP A 98 5.50 -2.57 -11.66
C ASP A 98 5.07 -1.15 -11.31
N LEU A 99 3.77 -0.90 -11.35
CA LEU A 99 3.23 0.41 -11.00
C LEU A 99 3.39 0.67 -9.51
N LEU A 100 3.14 -0.36 -8.72
CA LEU A 100 3.29 -0.28 -7.27
C LEU A 100 4.73 0.06 -6.88
N PHE A 101 5.68 -0.54 -7.59
CA PHE A 101 7.10 -0.31 -7.34
C PHE A 101 7.49 1.13 -7.66
N HIS A 102 6.91 1.67 -8.72
CA HIS A 102 7.20 3.03 -9.14
C HIS A 102 6.63 4.06 -8.16
N LEU A 103 5.47 3.74 -7.60
CA LEU A 103 4.82 4.61 -6.62
C LEU A 103 5.55 4.60 -5.28
N ARG A 104 5.95 3.40 -4.85
CA ARG A 104 6.68 3.23 -3.59
C ARG A 104 8.01 3.97 -3.64
N THR A 105 8.64 3.98 -4.82
CA THR A 105 9.88 4.71 -5.01
C THR A 105 9.61 6.21 -4.95
N LEU A 106 8.51 6.64 -5.56
CA LEU A 106 8.11 8.04 -5.54
C LEU A 106 7.75 8.49 -4.14
N PHE A 107 7.22 7.58 -3.33
CA PHE A 107 6.78 7.92 -1.98
C PHE A 107 7.99 8.15 -1.07
N ARG A 108 9.08 7.43 -1.31
CA ARG A 108 10.30 7.61 -0.54
C ARG A 108 10.97 8.93 -0.88
N GLU A 109 10.96 9.27 -2.18
CA GLU A 109 11.53 10.52 -2.64
C GLU A 109 10.68 11.71 -2.23
N GLY A 110 9.40 11.45 -1.96
CA GLY A 110 8.49 12.46 -1.48
C GLY A 110 8.16 13.53 -2.51
N GLN A 111 7.78 13.10 -3.71
CA GLN A 111 7.40 14.04 -4.76
C GLN A 111 6.00 14.59 -4.56
N PHE A 112 5.18 13.85 -3.83
CA PHE A 112 3.80 14.26 -3.57
C PHE A 112 3.72 15.58 -2.79
N ASN A 113 2.75 16.41 -3.15
CA ASN A 113 2.55 17.73 -2.55
C ASN A 113 3.83 18.58 -2.55
N MET B 1 -38.46 29.22 -6.76
CA MET B 1 -38.30 29.36 -8.20
C MET B 1 -36.85 29.68 -8.55
N LYS B 2 -36.19 30.43 -7.67
CA LYS B 2 -34.80 30.81 -7.88
C LYS B 2 -33.92 30.24 -6.77
N VAL B 3 -32.78 29.67 -7.16
CA VAL B 3 -31.88 29.06 -6.19
C VAL B 3 -31.14 30.13 -5.39
N LEU B 4 -31.38 30.13 -4.08
CA LEU B 4 -30.74 31.09 -3.19
C LEU B 4 -29.34 30.63 -2.80
N GLN B 5 -29.26 29.44 -2.22
CA GLN B 5 -27.99 28.86 -1.83
C GLN B 5 -27.59 27.70 -2.74
N GLU B 6 -26.33 27.71 -3.18
CA GLU B 6 -25.81 26.63 -4.01
C GLU B 6 -25.59 25.39 -3.15
N PRO B 7 -25.86 24.20 -3.73
CA PRO B 7 -25.74 22.92 -3.04
C PRO B 7 -24.40 22.69 -2.36
N THR B 8 -24.42 22.44 -1.07
CA THR B 8 -23.22 22.12 -0.30
C THR B 8 -23.18 20.63 0.02
N CYS B 9 -22.37 19.89 -0.73
CA CYS B 9 -22.32 18.43 -0.60
C CYS B 9 -21.17 17.96 0.28
N VAL B 10 -21.45 16.93 1.08
CA VAL B 10 -20.44 16.28 1.90
C VAL B 10 -20.53 14.77 1.76
N SER B 11 -19.41 14.08 1.86
CA SER B 11 -19.37 12.63 1.69
C SER B 11 -18.82 11.93 2.92
N ASP B 12 -19.23 10.69 3.13
CA ASP B 12 -18.70 9.87 4.22
C ASP B 12 -17.65 8.91 3.69
N TYR B 13 -17.25 9.13 2.44
CA TYR B 13 -16.25 8.31 1.75
C TYR B 13 -16.66 6.84 1.63
N MET B 14 -17.97 6.59 1.72
CA MET B 14 -18.50 5.25 1.52
C MET B 14 -19.98 5.27 1.18
N SER B 15 -20.27 5.10 -0.11
CA SER B 15 -21.61 4.83 -0.62
C SER B 15 -22.61 6.00 -0.53
N ILE B 16 -22.36 6.96 0.36
CA ILE B 16 -23.33 8.04 0.56
C ILE B 16 -22.69 9.42 0.48
N SER B 17 -23.38 10.36 -0.16
CA SER B 17 -22.94 11.74 -0.23
C SER B 17 -24.11 12.70 -0.06
N THR B 18 -24.16 13.38 1.09
CA THR B 18 -25.27 14.26 1.41
C THR B 18 -25.10 15.66 0.83
N CYS B 19 -26.06 16.06 -0.02
CA CYS B 19 -26.09 17.41 -0.57
C CYS B 19 -27.20 18.23 0.07
N GLU B 20 -26.96 19.52 0.23
CA GLU B 20 -27.91 20.39 0.93
C GLU B 20 -27.85 21.81 0.40
N TRP B 21 -29.02 22.40 0.17
CA TRP B 21 -29.09 23.78 -0.32
C TRP B 21 -30.36 24.48 0.17
N LYS B 22 -30.45 25.78 -0.11
CA LYS B 22 -31.61 26.56 0.31
C LYS B 22 -32.18 27.34 -0.87
N MET B 23 -33.49 27.24 -1.05
CA MET B 23 -34.18 27.96 -2.13
C MET B 23 -34.68 29.32 -1.65
N GLY B 25 -37.96 31.08 -2.71
CA GLY B 25 -39.11 30.94 -1.86
C GLY B 25 -39.41 29.51 -1.47
N PRO B 26 -40.37 29.30 -0.56
CA PRO B 26 -40.76 27.97 -0.07
C PRO B 26 -41.34 27.11 -1.19
N THR B 27 -40.83 25.89 -1.31
CA THR B 27 -41.24 25.00 -2.40
C THR B 27 -41.25 23.53 -1.99
N ASN B 28 -41.74 22.69 -2.89
CA ASN B 28 -41.73 21.25 -2.69
C ASN B 28 -40.66 20.58 -3.54
N CYS B 29 -39.47 20.43 -2.99
CA CYS B 29 -38.34 19.88 -3.71
C CYS B 29 -38.53 18.41 -4.06
N SER B 30 -39.26 17.70 -3.22
CA SER B 30 -39.53 16.28 -3.45
C SER B 30 -40.44 16.07 -4.65
N THR B 31 -41.21 17.10 -4.99
CA THR B 31 -42.16 17.02 -6.09
C THR B 31 -41.61 17.64 -7.36
N GLU B 32 -41.01 18.81 -7.25
CA GLU B 32 -40.53 19.55 -8.41
C GLU B 32 -39.06 19.30 -8.71
N LEU B 33 -38.21 19.48 -7.72
CA LEU B 33 -36.76 19.43 -7.92
C LEU B 33 -36.22 18.02 -8.09
N ARG B 34 -35.32 17.86 -9.06
CA ARG B 34 -34.60 16.60 -9.27
C ARG B 34 -33.10 16.88 -9.39
N LEU B 35 -32.30 16.12 -8.66
CA LEU B 35 -30.85 16.31 -8.68
C LEU B 35 -30.18 15.21 -9.49
N LEU B 36 -29.64 15.58 -10.65
CA LEU B 36 -28.97 14.63 -11.53
C LEU B 36 -27.46 14.71 -11.35
N TYR B 37 -26.83 13.58 -11.02
CA TYR B 37 -25.40 13.53 -10.79
C TYR B 37 -24.75 12.36 -11.50
N GLN B 38 -23.55 12.58 -12.02
CA GLN B 38 -22.80 11.51 -12.68
C GLN B 38 -21.30 11.71 -12.54
N LEU B 39 -20.57 10.60 -12.51
CA LEU B 39 -19.12 10.62 -12.38
C LEU B 39 -18.47 11.03 -13.69
N VAL B 40 -17.40 11.82 -13.61
CA VAL B 40 -16.70 12.32 -14.79
C VAL B 40 -15.98 11.18 -15.52
N PHE B 41 -15.78 10.07 -14.81
CA PHE B 41 -15.19 8.87 -15.39
C PHE B 41 -15.94 8.44 -16.65
N LEU B 42 -15.22 7.97 -17.66
CA LEU B 42 -15.79 7.64 -18.96
C LEU B 42 -16.87 6.57 -18.87
N LEU B 43 -17.58 6.37 -19.99
CA LEU B 43 -18.78 5.56 -20.03
C LEU B 43 -19.76 6.11 -19.00
N SER B 44 -20.15 7.37 -19.20
CA SER B 44 -20.94 8.10 -18.22
C SER B 44 -22.35 7.56 -18.07
N GLU B 45 -22.76 7.35 -16.83
CA GLU B 45 -24.11 6.94 -16.51
C GLU B 45 -24.69 7.86 -15.45
N ALA B 46 -25.65 8.69 -15.85
CA ALA B 46 -26.25 9.65 -14.93
C ALA B 46 -27.10 8.97 -13.86
N HIS B 47 -27.34 9.68 -12.77
CA HIS B 47 -28.17 9.16 -11.69
C HIS B 47 -29.12 10.25 -11.18
N THR B 48 -30.37 9.87 -10.95
CA THR B 48 -31.37 10.81 -10.49
C THR B 48 -31.60 10.69 -8.99
N CYS B 49 -31.64 11.82 -8.30
CA CYS B 49 -31.88 11.83 -6.87
C CYS B 49 -33.13 12.64 -6.53
N ILE B 50 -33.97 12.07 -5.66
CA ILE B 50 -35.17 12.75 -5.20
C ILE B 50 -34.89 13.40 -3.85
N PRO B 51 -34.71 14.73 -3.84
CA PRO B 51 -34.30 15.47 -2.65
C PRO B 51 -35.38 15.58 -1.58
N GLU B 52 -34.98 15.37 -0.32
CA GLU B 52 -35.88 15.56 0.80
C GLU B 52 -35.95 17.05 1.14
N ASN B 53 -36.85 17.41 2.05
CA ASN B 53 -37.05 18.83 2.38
C ASN B 53 -36.51 19.19 3.75
N ASN B 54 -35.76 20.28 3.81
CA ASN B 54 -35.19 20.77 5.07
C ASN B 54 -36.21 21.59 5.86
N GLY B 55 -36.88 22.50 5.17
CA GLY B 55 -37.89 23.33 5.80
C GLY B 55 -37.68 24.82 5.52
N GLY B 56 -38.70 25.46 4.98
CA GLY B 56 -38.64 26.87 4.65
C GLY B 56 -37.63 27.16 3.55
N ALA B 57 -38.01 26.81 2.32
CA ALA B 57 -37.17 26.99 1.14
C ALA B 57 -35.82 26.30 1.31
N GLY B 58 -35.83 25.09 1.86
CA GLY B 58 -34.61 24.34 2.06
C GLY B 58 -34.78 22.87 1.68
N CYS B 59 -33.86 22.37 0.87
CA CYS B 59 -33.91 20.97 0.43
C CYS B 59 -32.59 20.25 0.67
N VAL B 60 -32.67 18.94 0.87
CA VAL B 60 -31.50 18.11 1.10
C VAL B 60 -31.58 16.82 0.29
N CYS B 61 -30.52 16.53 -0.45
CA CYS B 61 -30.50 15.34 -1.31
C CYS B 61 -29.40 14.36 -0.89
N HIS B 62 -29.70 13.07 -0.99
CA HIS B 62 -28.75 12.02 -0.61
C HIS B 62 -28.24 11.27 -1.85
N LEU B 63 -26.97 11.49 -2.17
CA LEU B 63 -26.36 10.84 -3.33
C LEU B 63 -25.80 9.47 -2.97
N LEU B 64 -26.00 8.50 -3.86
CA LEU B 64 -25.54 7.14 -3.61
C LEU B 64 -24.36 6.76 -4.50
N MET B 65 -23.33 6.18 -3.90
CA MET B 65 -22.17 5.71 -4.63
C MET B 65 -21.90 4.24 -4.33
N ASP B 66 -21.01 3.62 -5.11
CA ASP B 66 -20.61 2.25 -4.87
C ASP B 66 -19.30 2.24 -4.08
N ASP B 67 -18.31 2.96 -4.60
CA ASP B 67 -17.03 3.15 -3.94
C ASP B 67 -16.58 4.58 -4.13
N VAL B 68 -15.72 5.07 -3.24
CA VAL B 68 -15.24 6.45 -3.32
C VAL B 68 -13.73 6.53 -3.28
N VAL B 69 -13.13 7.05 -4.35
CA VAL B 69 -11.70 7.31 -4.38
C VAL B 69 -11.45 8.81 -4.47
N SER B 70 -10.23 9.23 -4.17
CA SER B 70 -9.91 10.66 -4.08
C SER B 70 -10.04 11.39 -5.40
N ALA B 71 -9.83 10.68 -6.51
CA ALA B 71 -9.84 11.28 -7.83
C ALA B 71 -11.24 11.49 -8.37
N ASP B 72 -12.22 10.90 -7.70
CA ASP B 72 -13.61 10.95 -8.16
C ASP B 72 -14.19 12.36 -8.15
N ASN B 73 -14.79 12.74 -9.26
CA ASN B 73 -15.37 14.07 -9.44
C ASN B 73 -16.78 13.93 -9.98
N TYR B 74 -17.74 14.58 -9.35
CA TYR B 74 -19.15 14.45 -9.74
C TYR B 74 -19.74 15.77 -10.23
N THR B 75 -20.24 15.75 -11.46
CA THR B 75 -20.94 16.91 -12.02
C THR B 75 -22.39 16.91 -11.54
N LEU B 76 -22.83 18.04 -11.02
CA LEU B 76 -24.18 18.15 -10.46
C LEU B 76 -25.10 18.97 -11.36
N ASP B 77 -26.34 18.52 -11.49
CA ASP B 77 -27.34 19.22 -12.28
C ASP B 77 -28.68 19.26 -11.55
N LEU B 78 -28.99 20.42 -10.97
CA LEU B 78 -30.25 20.60 -10.26
C LEU B 78 -31.35 21.05 -11.21
N TRP B 79 -32.17 20.09 -11.64
CA TRP B 79 -33.23 20.37 -12.60
C TRP B 79 -34.51 20.87 -11.92
N ALA B 80 -34.88 22.10 -12.21
CA ALA B 80 -36.12 22.67 -11.70
C ALA B 80 -37.28 22.35 -12.63
N GLY B 81 -37.95 21.23 -12.38
CA GLY B 81 -39.04 20.78 -13.23
C GLY B 81 -38.53 20.24 -14.54
N GLN B 82 -38.43 21.10 -15.54
CA GLN B 82 -37.92 20.72 -16.86
C GLN B 82 -36.78 21.64 -17.29
N GLN B 83 -36.55 22.69 -16.51
CA GLN B 83 -35.49 23.63 -16.80
C GLN B 83 -34.40 23.58 -15.74
N LEU B 84 -33.15 23.53 -16.20
CA LEU B 84 -32.00 23.46 -15.30
C LEU B 84 -31.87 24.74 -14.47
N LEU B 85 -31.91 24.58 -13.15
CA LEU B 85 -31.81 25.72 -12.24
C LEU B 85 -30.35 26.03 -11.90
N TRP B 86 -29.62 25.02 -11.45
CA TRP B 86 -28.22 25.20 -11.07
C TRP B 86 -27.33 24.10 -11.63
N LYS B 87 -26.16 24.51 -12.13
CA LYS B 87 -25.19 23.56 -12.65
C LYS B 87 -23.84 23.74 -11.95
N GLY B 88 -23.21 22.63 -11.60
CA GLY B 88 -21.93 22.67 -10.93
C GLY B 88 -21.33 21.28 -10.81
N SER B 89 -20.31 21.17 -9.96
CA SER B 89 -19.62 19.90 -9.78
C SER B 89 -19.33 19.66 -8.30
N PHE B 90 -18.76 18.49 -8.00
CA PHE B 90 -18.55 18.07 -6.63
C PHE B 90 -17.48 16.99 -6.51
N LYS B 91 -16.55 17.16 -5.57
CA LYS B 91 -15.49 16.21 -5.36
C LYS B 91 -15.53 15.68 -3.92
N PRO B 92 -15.99 14.44 -3.74
CA PRO B 92 -16.20 13.80 -2.43
C PRO B 92 -15.00 13.89 -1.49
N SER B 93 -13.80 13.72 -2.02
CA SER B 93 -12.59 13.73 -1.21
C SER B 93 -12.30 15.12 -0.64
N GLU B 94 -12.75 16.16 -1.33
CA GLU B 94 -12.50 17.54 -0.89
C GLU B 94 -13.38 17.93 0.29
N HIS B 95 -14.57 17.32 0.38
CA HIS B 95 -15.49 17.63 1.45
C HIS B 95 -15.98 16.36 2.14
N VAL B 96 -15.08 15.72 2.88
CA VAL B 96 -15.40 14.48 3.56
C VAL B 96 -15.92 14.72 4.97
N LYS B 97 -16.97 13.99 5.34
CA LYS B 97 -17.45 13.97 6.71
C LYS B 97 -17.67 12.53 7.13
N PRO B 98 -16.68 11.94 7.83
CA PRO B 98 -16.69 10.54 8.23
C PRO B 98 -17.96 10.16 9.01
N ARG B 99 -18.44 8.94 8.82
CA ARG B 99 -19.61 8.47 9.56
C ARG B 99 -19.21 8.25 11.01
N ALA B 100 -20.17 8.47 11.92
CA ALA B 100 -19.90 8.40 13.34
C ALA B 100 -19.61 6.98 13.81
N PRO B 101 -18.67 6.83 14.76
CA PRO B 101 -18.43 5.54 15.40
C PRO B 101 -19.59 5.15 16.31
N GLY B 102 -19.61 3.91 16.77
CA GLY B 102 -20.70 3.45 17.61
C GLY B 102 -20.34 2.29 18.52
N ASN B 103 -21.36 1.72 19.16
CA ASN B 103 -21.20 0.58 20.06
C ASN B 103 -20.22 0.87 21.19
N LEU B 104 -20.26 2.09 21.71
CA LEU B 104 -19.38 2.49 22.81
C LEU B 104 -19.83 1.89 24.13
N THR B 105 -18.95 1.12 24.76
CA THR B 105 -19.26 0.49 26.04
C THR B 105 -18.28 0.92 27.12
N VAL B 106 -18.80 1.44 28.22
CA VAL B 106 -17.95 1.84 29.35
C VAL B 106 -17.60 0.62 30.20
N HIS B 107 -16.30 0.51 30.51
CA HIS B 107 -15.77 -0.61 31.30
C HIS B 107 -16.12 -1.97 30.68
N SER B 111 -13.47 -4.57 36.01
CA SER B 111 -13.12 -3.16 35.80
C SER B 111 -11.95 -2.75 36.69
N ASP B 112 -10.77 -3.27 36.39
CA ASP B 112 -9.56 -2.91 37.12
C ASP B 112 -9.24 -1.42 36.93
N THR B 113 -9.36 -0.97 35.68
CA THR B 113 -9.21 0.45 35.35
C THR B 113 -10.36 0.87 34.44
N LEU B 114 -10.71 2.15 34.47
CA LEU B 114 -11.80 2.67 33.64
C LEU B 114 -11.43 2.58 32.16
N LEU B 115 -12.24 1.83 31.41
CA LEU B 115 -11.94 1.56 30.01
C LEU B 115 -13.12 1.87 29.10
N LEU B 116 -12.84 2.43 27.93
CA LEU B 116 -13.88 2.71 26.94
C LEU B 116 -13.56 2.00 25.62
N THR B 117 -14.56 1.33 25.05
CA THR B 117 -14.36 0.61 23.81
C THR B 117 -15.48 0.89 22.80
N TRP B 118 -15.12 1.50 21.69
CA TRP B 118 -16.07 1.77 20.61
C TRP B 118 -15.70 0.99 19.37
N SER B 119 -16.51 1.11 18.31
CA SER B 119 -16.29 0.34 17.10
C SER B 119 -15.98 1.23 15.90
N ASN B 120 -15.11 0.75 15.02
CA ASN B 120 -14.82 1.44 13.77
C ASN B 120 -16.00 1.27 12.80
N PRO B 121 -16.64 2.39 12.43
CA PRO B 121 -17.83 2.37 11.58
C PRO B 121 -17.53 2.00 10.13
N TYR B 122 -16.25 1.84 9.81
CA TYR B 122 -15.84 1.50 8.45
C TYR B 122 -15.35 0.06 8.34
N PRO B 123 -15.62 -0.59 7.20
CA PRO B 123 -15.14 -1.95 6.93
C PRO B 123 -13.64 -1.97 6.61
N PRO B 124 -13.00 -3.14 6.78
CA PRO B 124 -11.57 -3.30 6.47
C PRO B 124 -11.23 -2.93 5.02
N ASP B 125 -12.21 -3.02 4.13
CA ASP B 125 -12.01 -2.70 2.73
C ASP B 125 -11.83 -1.20 2.52
N ASN B 126 -12.47 -0.41 3.38
CA ASN B 126 -12.43 1.03 3.26
C ASN B 126 -11.03 1.59 3.53
N TYR B 127 -10.80 2.82 3.10
CA TYR B 127 -9.49 3.44 3.22
C TYR B 127 -9.32 4.15 4.56
N LEU B 128 -10.44 4.50 5.18
CA LEU B 128 -10.41 5.20 6.46
C LEU B 128 -10.29 4.23 7.62
N TYR B 129 -10.30 2.94 7.32
CA TYR B 129 -10.24 1.91 8.36
C TYR B 129 -8.93 1.96 9.15
N ASN B 130 -7.94 2.65 8.61
CA ASN B 130 -6.65 2.79 9.28
C ASN B 130 -6.22 4.24 9.42
N HIS B 131 -7.08 5.16 9.01
CA HIS B 131 -6.73 6.58 9.01
C HIS B 131 -7.72 7.45 9.78
N LEU B 132 -8.34 6.88 10.82
CA LEU B 132 -9.31 7.63 11.61
C LEU B 132 -8.76 8.05 12.96
N THR B 133 -8.86 9.34 13.25
CA THR B 133 -8.47 9.87 14.55
C THR B 133 -9.71 10.10 15.40
N TYR B 134 -9.71 9.55 16.61
CA TYR B 134 -10.88 9.65 17.48
C TYR B 134 -10.72 10.74 18.54
N ALA B 135 -11.83 11.05 19.22
CA ALA B 135 -11.83 12.04 20.29
C ALA B 135 -12.99 11.77 21.25
N VAL B 136 -12.65 11.38 22.48
CA VAL B 136 -13.65 11.02 23.47
C VAL B 136 -13.93 12.16 24.43
N ASN B 137 -15.21 12.50 24.59
CA ASN B 137 -15.64 13.55 25.51
C ASN B 137 -16.33 12.95 26.73
N ILE B 138 -15.70 13.07 27.90
CA ILE B 138 -16.25 12.52 29.13
C ILE B 138 -16.66 13.62 30.10
N TRP B 139 -17.96 13.83 30.27
CA TRP B 139 -18.46 14.86 31.17
C TRP B 139 -19.50 14.30 32.14
N SER B 140 -19.88 15.11 33.12
CA SER B 140 -20.88 14.72 34.11
C SER B 140 -22.21 15.42 33.86
N PRO B 144 -21.40 20.59 33.77
CA PRO B 144 -21.09 20.21 32.39
C PRO B 144 -19.64 20.52 32.00
N ALA B 145 -19.06 21.55 32.63
CA ALA B 145 -17.70 21.97 32.30
C ALA B 145 -16.66 21.14 33.05
N ASP B 146 -17.05 19.94 33.47
CA ASP B 146 -16.17 19.04 34.18
C ASP B 146 -15.48 18.09 33.21
N PHE B 147 -15.73 18.30 31.92
CA PHE B 147 -15.27 17.36 30.89
C PHE B 147 -13.76 17.44 30.62
N ARG B 148 -13.19 16.30 30.24
CA ARG B 148 -11.80 16.22 29.83
C ARG B 148 -11.71 15.45 28.51
N ILE B 149 -11.29 16.14 27.46
CA ILE B 149 -11.25 15.54 26.13
C ILE B 149 -9.98 14.71 25.91
N TYR B 150 -10.13 13.53 25.33
CA TYR B 150 -9.00 12.66 25.03
C TYR B 150 -8.84 12.44 23.54
N ASN B 151 -7.60 12.52 23.06
CA ASN B 151 -7.31 12.32 21.64
C ASN B 151 -6.72 10.95 21.36
N VAL B 152 -7.39 10.19 20.50
CA VAL B 152 -6.94 8.87 20.12
C VAL B 152 -6.40 8.86 18.70
N THR B 153 -5.10 8.61 18.56
CA THR B 153 -4.45 8.61 17.26
C THR B 153 -3.83 7.25 16.93
N TYR B 154 -4.10 6.26 17.75
CA TYR B 154 -3.62 4.90 17.50
C TYR B 154 -4.73 4.03 16.92
N LEU B 155 -4.36 2.83 16.46
CA LEU B 155 -5.28 1.95 15.75
C LEU B 155 -6.46 1.49 16.60
N GLU B 156 -6.17 0.68 17.62
CA GLU B 156 -7.21 0.08 18.45
C GLU B 156 -8.07 1.14 19.14
N PRO B 157 -9.39 1.08 18.90
CA PRO B 157 -10.35 2.05 19.46
C PRO B 157 -10.59 1.83 20.95
N SER B 158 -9.55 1.99 21.76
CA SER B 158 -9.65 1.80 23.19
C SER B 158 -9.15 3.02 23.96
N LEU B 159 -9.75 3.29 25.10
CA LEU B 159 -9.32 4.39 25.96
C LEU B 159 -9.30 3.96 27.43
N ARG B 160 -8.12 3.99 28.03
CA ARG B 160 -7.95 3.55 29.41
C ARG B 160 -7.49 4.68 30.32
N ILE B 161 -8.32 5.02 31.30
CA ILE B 161 -8.00 6.06 32.27
C ILE B 161 -8.24 5.60 33.70
N ALA B 162 -7.86 6.43 34.66
CA ALA B 162 -8.10 6.14 36.06
C ALA B 162 -9.37 6.81 36.55
N ALA B 163 -9.83 6.42 37.74
CA ALA B 163 -11.08 6.95 38.28
C ALA B 163 -10.97 8.44 38.61
N SER B 164 -9.75 8.91 38.83
CA SER B 164 -9.51 10.31 39.15
C SER B 164 -9.69 11.19 37.91
N SER B 171 -22.08 8.86 37.41
CA SER B 171 -22.57 10.23 37.29
C SER B 171 -21.97 10.93 36.09
N TYR B 172 -21.17 10.19 35.31
CA TYR B 172 -20.53 10.75 34.13
C TYR B 172 -21.17 10.23 32.84
N ARG B 173 -20.89 10.92 31.74
CA ARG B 173 -21.39 10.52 30.42
C ARG B 173 -20.31 10.71 29.37
N ALA B 174 -20.16 9.73 28.48
CA ALA B 174 -19.10 9.77 27.48
C ALA B 174 -19.66 9.76 26.06
N ARG B 175 -18.87 10.27 25.12
CA ARG B 175 -19.25 10.31 23.71
C ARG B 175 -18.02 10.28 22.82
N VAL B 176 -18.15 9.69 21.63
CA VAL B 176 -17.00 9.53 20.73
C VAL B 176 -17.30 10.05 19.32
N ARG B 177 -16.35 10.73 18.72
CA ARG B 177 -16.44 11.12 17.32
C ARG B 177 -15.11 10.89 16.60
N ALA B 178 -15.14 10.82 15.28
CA ALA B 178 -13.95 10.52 14.50
C ALA B 178 -13.59 11.63 13.51
N TRP B 179 -12.37 11.57 13.00
CA TRP B 179 -11.87 12.57 12.06
C TRP B 179 -10.70 12.01 11.26
N ALA B 180 -10.81 12.07 9.94
CA ALA B 180 -9.74 11.61 9.06
C ALA B 180 -8.67 12.69 8.92
N GLN B 181 -7.47 12.38 9.39
CA GLN B 181 -6.38 13.34 9.45
C GLN B 181 -5.90 13.82 8.08
N CYS B 182 -5.67 12.88 7.17
CA CYS B 182 -5.03 13.19 5.90
C CYS B 182 -5.94 13.93 4.92
N TYR B 183 -7.24 13.68 5.00
CA TYR B 183 -8.19 14.30 4.09
C TYR B 183 -8.63 15.69 4.57
N ASN B 184 -8.15 16.08 5.74
CA ASN B 184 -8.52 17.36 6.35
C ASN B 184 -10.04 17.52 6.44
N THR B 185 -10.69 16.52 7.00
CA THR B 185 -12.15 16.49 7.07
C THR B 185 -12.70 17.30 8.23
N THR B 186 -14.03 17.31 8.33
CA THR B 186 -14.70 17.89 9.49
C THR B 186 -14.96 16.75 10.48
N TRP B 187 -15.24 17.10 11.73
CA TRP B 187 -15.53 16.10 12.74
C TRP B 187 -16.81 15.34 12.41
N SER B 188 -16.83 14.05 12.72
CA SER B 188 -18.04 13.25 12.56
C SER B 188 -19.07 13.66 13.58
N GLU B 189 -20.32 13.26 13.37
CA GLU B 189 -21.37 13.54 14.33
C GLU B 189 -21.09 12.76 15.61
N TRP B 190 -21.58 13.26 16.74
CA TRP B 190 -21.31 12.63 18.02
C TRP B 190 -22.09 11.32 18.20
N SER B 191 -21.37 10.28 18.59
CA SER B 191 -21.97 8.97 18.84
C SER B 191 -22.96 9.04 20.01
N PRO B 192 -24.00 8.19 19.97
CA PRO B 192 -24.95 8.08 21.09
C PRO B 192 -24.23 7.87 22.43
N SER B 193 -24.40 8.81 23.35
CA SER B 193 -23.68 8.84 24.61
C SER B 193 -23.96 7.62 25.48
N THR B 194 -23.08 7.40 26.46
CA THR B 194 -23.22 6.30 27.41
C THR B 194 -23.04 6.79 28.84
N LYS B 195 -24.11 6.78 29.62
CA LYS B 195 -24.09 7.25 31.00
C LYS B 195 -23.65 6.15 31.96
N TRP B 196 -22.93 6.53 33.00
CA TRP B 196 -22.53 5.60 34.05
C TRP B 196 -22.18 6.33 35.33
N GLN C 10 4.14 -17.35 -37.77
CA GLN C 10 3.38 -18.58 -37.89
C GLN C 10 4.26 -19.84 -37.72
N PRO C 11 5.43 -19.90 -38.40
CA PRO C 11 6.28 -21.07 -38.19
C PRO C 11 7.03 -21.01 -36.85
N PRO C 12 7.60 -22.15 -36.40
CA PRO C 12 8.31 -22.19 -35.12
C PRO C 12 9.58 -21.34 -35.10
N VAL C 13 9.92 -20.81 -33.93
CA VAL C 13 11.15 -20.05 -33.76
C VAL C 13 12.36 -20.98 -33.84
N THR C 14 13.54 -20.39 -34.03
CA THR C 14 14.74 -21.18 -34.24
C THR C 14 15.73 -21.02 -33.09
N ASN C 15 16.40 -22.12 -32.74
CA ASN C 15 17.47 -22.13 -31.74
C ASN C 15 17.05 -21.59 -30.37
N LEU C 16 15.95 -22.12 -29.86
CA LEU C 16 15.48 -21.73 -28.53
C LEU C 16 16.33 -22.40 -27.45
N SER C 17 17.32 -21.66 -26.93
CA SER C 17 18.25 -22.21 -25.96
C SER C 17 18.17 -21.49 -24.61
N VAL C 18 18.95 -21.98 -23.65
CA VAL C 18 18.96 -21.40 -22.31
C VAL C 18 20.37 -21.14 -21.81
N SER C 19 20.47 -20.30 -20.79
CA SER C 19 21.73 -20.01 -20.11
C SER C 19 21.46 -19.34 -18.77
N VAL C 20 22.41 -19.43 -17.85
CA VAL C 20 22.26 -18.82 -16.54
C VAL C 20 23.38 -17.83 -16.25
N GLU C 21 23.04 -16.56 -16.18
CA GLU C 21 24.00 -15.53 -15.77
C GLU C 21 23.83 -15.25 -14.28
N ASN C 22 24.88 -14.71 -13.68
CA ASN C 22 24.90 -14.40 -12.25
C ASN C 22 24.58 -15.63 -11.40
N LEU C 23 23.46 -15.60 -10.70
CA LEU C 23 23.07 -16.72 -9.85
C LEU C 23 21.68 -17.23 -10.22
N CYS C 24 20.75 -16.31 -10.45
CA CYS C 24 19.35 -16.69 -10.69
C CYS C 24 18.78 -16.05 -11.96
N THR C 25 19.65 -15.43 -12.76
CA THR C 25 19.21 -14.83 -14.01
C THR C 25 19.15 -15.87 -15.11
N VAL C 26 17.95 -16.35 -15.40
CA VAL C 26 17.74 -17.33 -16.46
C VAL C 26 17.35 -16.64 -17.75
N ILE C 27 18.14 -16.85 -18.80
CA ILE C 27 17.92 -16.14 -20.06
C ILE C 27 17.60 -17.07 -21.22
N TRP C 28 16.41 -16.89 -21.79
CA TRP C 28 16.02 -17.59 -23.01
C TRP C 28 16.34 -16.75 -24.23
N THR C 29 16.99 -17.34 -25.22
CA THR C 29 17.31 -16.64 -26.46
C THR C 29 16.99 -17.50 -27.68
N TRP C 30 16.37 -16.89 -28.68
CA TRP C 30 16.00 -17.62 -29.89
C TRP C 30 16.22 -16.78 -31.15
N ASN C 31 15.92 -17.37 -32.29
CA ASN C 31 16.05 -16.71 -33.59
C ASN C 31 14.74 -16.71 -34.36
N PRO C 32 14.52 -15.67 -35.19
CA PRO C 32 13.31 -15.56 -36.02
C PRO C 32 13.05 -16.81 -36.86
N PRO C 33 11.77 -17.12 -37.11
CA PRO C 33 11.37 -18.31 -37.89
C PRO C 33 11.89 -18.30 -39.32
N GLU C 34 12.35 -19.44 -39.79
CA GLU C 34 12.79 -19.59 -41.18
C GLU C 34 11.63 -19.33 -42.14
N GLY C 35 10.49 -19.97 -41.89
CA GLY C 35 9.28 -19.62 -42.61
C GLY C 35 8.92 -18.21 -42.20
N ALA C 36 8.88 -17.29 -43.16
CA ALA C 36 8.61 -15.91 -42.82
C ALA C 36 7.72 -15.18 -43.83
N SER C 37 6.93 -14.24 -43.31
CA SER C 37 6.18 -13.32 -44.15
C SER C 37 6.86 -11.97 -44.10
N SER C 38 7.43 -11.56 -45.24
CA SER C 38 8.19 -10.30 -45.29
C SER C 38 7.29 -9.11 -44.95
N ASN C 39 5.99 -9.28 -45.15
CA ASN C 39 5.02 -8.28 -44.76
C ASN C 39 4.46 -8.57 -43.37
N CYS C 40 5.33 -8.54 -42.37
CA CYS C 40 4.94 -8.85 -41.00
C CYS C 40 5.94 -8.33 -39.97
N SER C 41 5.44 -7.57 -39.00
CA SER C 41 6.26 -7.16 -37.87
C SER C 41 6.17 -8.20 -36.78
N LEU C 42 7.21 -9.03 -36.68
CA LEU C 42 7.19 -10.18 -35.78
C LEU C 42 7.23 -9.81 -34.30
N TRP C 43 6.12 -10.10 -33.62
CA TRP C 43 6.06 -10.01 -32.17
C TRP C 43 6.06 -11.42 -31.59
N TYR C 44 6.74 -11.61 -30.46
CA TYR C 44 6.86 -12.94 -29.88
C TYR C 44 6.02 -13.09 -28.62
N PHE C 45 5.17 -14.10 -28.61
CA PHE C 45 4.33 -14.40 -27.46
C PHE C 45 4.97 -15.49 -26.61
N SER C 46 5.42 -15.13 -25.42
CA SER C 46 6.10 -16.07 -24.54
C SER C 46 5.43 -16.18 -23.18
N HIS C 47 5.31 -17.41 -22.69
CA HIS C 47 4.71 -17.66 -21.39
C HIS C 47 5.33 -18.90 -20.75
N PHE C 48 5.15 -19.05 -19.45
CA PHE C 48 5.68 -20.19 -18.72
C PHE C 48 4.60 -21.25 -18.51
N GLY C 49 4.86 -22.19 -17.61
CA GLY C 49 3.95 -23.28 -17.35
C GLY C 49 2.58 -22.82 -16.87
N ASP C 50 1.53 -23.44 -17.39
CA ASP C 50 0.15 -23.11 -17.05
C ASP C 50 -0.19 -21.65 -17.34
N LYS C 51 0.24 -21.18 -18.51
CA LYS C 51 -0.07 -19.83 -18.98
C LYS C 51 0.36 -18.75 -17.99
N GLN C 52 1.51 -18.97 -17.36
CA GLN C 52 2.00 -18.07 -16.32
C GLN C 52 2.98 -17.03 -16.87
N ASP C 53 2.80 -15.78 -16.45
CA ASP C 53 3.69 -14.68 -16.79
C ASP C 53 3.80 -14.49 -18.30
N LYS C 54 2.66 -14.23 -18.94
CA LYS C 54 2.63 -14.02 -20.38
C LYS C 54 3.25 -12.67 -20.76
N LYS C 55 3.87 -12.62 -21.94
CA LYS C 55 4.49 -11.39 -22.42
C LYS C 55 4.63 -11.39 -23.94
N ILE C 56 4.17 -10.32 -24.57
CA ILE C 56 4.30 -10.16 -26.02
C ILE C 56 5.33 -9.09 -26.33
N ALA C 57 6.46 -9.49 -26.89
CA ALA C 57 7.57 -8.57 -27.15
C ALA C 57 8.24 -8.88 -28.49
N PRO C 58 8.82 -7.85 -29.13
CA PRO C 58 9.52 -8.05 -30.40
C PRO C 58 10.95 -8.57 -30.22
N GLU C 59 11.43 -8.56 -28.97
CA GLU C 59 12.77 -9.05 -28.68
C GLU C 59 12.86 -10.56 -28.82
N THR C 60 14.02 -11.05 -29.25
CA THR C 60 14.23 -12.48 -29.41
C THR C 60 14.89 -13.08 -28.17
N ARG C 61 14.66 -12.43 -27.02
CA ARG C 61 15.19 -12.93 -25.76
C ARG C 61 14.31 -12.54 -24.58
N ARG C 62 14.32 -13.37 -23.54
CA ARG C 62 13.58 -13.08 -22.32
C ARG C 62 14.32 -13.61 -21.10
N SER C 63 14.59 -12.72 -20.14
CA SER C 63 15.33 -13.08 -18.93
C SER C 63 14.54 -12.74 -17.68
N ILE C 64 14.50 -13.69 -16.74
CA ILE C 64 13.81 -13.48 -15.47
C ILE C 64 14.70 -13.86 -14.29
N GLU C 65 14.32 -13.38 -13.10
CA GLU C 65 15.02 -13.77 -11.88
C GLU C 65 14.16 -14.74 -11.06
N VAL C 66 14.54 -16.01 -11.08
CA VAL C 66 13.76 -17.05 -10.42
C VAL C 66 14.69 -18.00 -9.66
N PRO C 67 14.30 -18.37 -8.42
CA PRO C 67 15.10 -19.35 -7.69
C PRO C 67 15.09 -20.71 -8.38
N LEU C 68 16.24 -21.12 -8.90
CA LEU C 68 16.34 -22.38 -9.64
C LEU C 68 16.23 -23.59 -8.71
N ASN C 69 15.07 -23.74 -8.09
CA ASN C 69 14.82 -24.88 -7.21
C ASN C 69 13.78 -25.81 -7.83
N GLU C 70 13.28 -25.43 -9.00
CA GLU C 70 12.27 -26.19 -9.69
C GLU C 70 12.45 -26.09 -11.21
N ARG C 71 12.13 -27.17 -11.92
CA ARG C 71 12.20 -27.17 -13.38
C ARG C 71 11.08 -26.33 -13.98
N ILE C 72 11.44 -25.19 -14.56
CA ILE C 72 10.48 -24.32 -15.22
C ILE C 72 10.80 -24.18 -16.71
N CYS C 73 9.75 -24.05 -17.52
CA CYS C 73 9.90 -24.02 -18.96
C CYS C 73 9.22 -22.82 -19.60
N LEU C 74 9.79 -22.34 -20.70
CA LEU C 74 9.24 -21.20 -21.42
C LEU C 74 8.80 -21.58 -22.82
N GLN C 75 7.54 -21.31 -23.14
CA GLN C 75 7.02 -21.55 -24.48
C GLN C 75 7.09 -20.27 -25.30
N VAL C 76 7.51 -20.39 -26.55
CA VAL C 76 7.68 -19.21 -27.41
C VAL C 76 6.90 -19.35 -28.71
N GLY C 77 6.05 -18.35 -28.98
CA GLY C 77 5.28 -18.31 -30.21
C GLY C 77 5.44 -16.99 -30.92
N SER C 78 5.40 -17.02 -32.25
CA SER C 78 5.57 -15.81 -33.05
C SER C 78 4.23 -15.27 -33.57
N GLN C 79 4.12 -13.95 -33.62
CA GLN C 79 2.89 -13.30 -34.07
C GLN C 79 3.19 -12.13 -35.01
N CYS C 80 2.19 -11.72 -35.78
CA CYS C 80 2.32 -10.55 -36.64
C CYS C 80 1.54 -9.38 -36.06
N SER C 81 0.66 -9.69 -35.11
CA SER C 81 -0.16 -8.68 -34.45
C SER C 81 0.05 -8.71 -32.94
N THR C 82 -0.40 -7.66 -32.26
CA THR C 82 -0.27 -7.58 -30.81
C THR C 82 -1.61 -7.83 -30.14
N ASN C 83 -2.57 -8.31 -30.91
CA ASN C 83 -3.92 -8.52 -30.41
C ASN C 83 -4.03 -9.77 -29.53
N GLU C 84 -5.03 -9.78 -28.66
CA GLU C 84 -5.28 -10.93 -27.79
C GLU C 84 -5.79 -12.12 -28.58
N SER C 85 -6.61 -11.84 -29.58
CA SER C 85 -7.22 -12.88 -30.41
C SER C 85 -6.17 -13.66 -31.20
N GLU C 86 -5.09 -12.99 -31.56
CA GLU C 86 -4.01 -13.62 -32.30
C GLU C 86 -3.30 -14.67 -31.44
N LYS C 87 -3.57 -15.93 -31.71
CA LYS C 87 -2.95 -17.03 -30.98
C LYS C 87 -2.09 -17.89 -31.90
N PRO C 88 -0.78 -17.97 -31.60
CA PRO C 88 0.16 -18.75 -32.39
C PRO C 88 -0.20 -20.22 -32.47
N SER C 89 -0.20 -20.79 -33.67
CA SER C 89 -0.52 -22.19 -33.85
C SER C 89 0.66 -23.07 -33.44
N ILE C 90 1.87 -22.55 -33.60
CA ILE C 90 3.07 -23.29 -33.27
C ILE C 90 3.86 -22.63 -32.16
N LEU C 91 4.19 -23.39 -31.13
CA LEU C 91 4.99 -22.89 -30.02
C LEU C 91 6.12 -23.86 -29.67
N VAL C 92 7.31 -23.31 -29.49
CA VAL C 92 8.46 -24.11 -29.08
C VAL C 92 8.75 -23.88 -27.59
N GLU C 93 8.98 -24.97 -26.86
CA GLU C 93 9.19 -24.90 -25.43
C GLU C 93 10.56 -25.42 -25.02
N LYS C 94 11.34 -24.57 -24.35
CA LYS C 94 12.64 -24.98 -23.83
C LYS C 94 12.64 -24.92 -22.31
N CYS C 95 13.02 -26.03 -21.68
CA CYS C 95 12.97 -26.14 -20.22
C CYS C 95 14.37 -26.11 -19.62
N ILE C 96 14.44 -25.73 -18.35
CA ILE C 96 15.69 -25.75 -17.61
C ILE C 96 15.48 -26.35 -16.23
N SER C 97 16.37 -27.25 -15.83
CA SER C 97 16.24 -27.95 -14.56
C SER C 97 17.26 -27.44 -13.55
N PRO C 98 16.95 -27.54 -12.25
CA PRO C 98 17.90 -27.16 -11.20
C PRO C 98 19.17 -28.01 -11.26
N PRO C 99 20.30 -27.46 -10.80
CA PRO C 99 21.59 -28.15 -10.86
C PRO C 99 21.59 -29.50 -10.14
N GLU C 100 22.47 -30.39 -10.54
CA GLU C 100 22.55 -31.72 -9.95
C GLU C 100 22.95 -31.67 -8.48
N GLY C 101 22.58 -32.71 -7.73
CA GLY C 101 22.89 -32.79 -6.32
C GLY C 101 22.11 -33.88 -5.61
N ASP C 102 22.53 -34.23 -4.41
CA ASP C 102 21.87 -35.28 -3.64
C ASP C 102 20.45 -34.86 -3.28
N PRO C 103 19.51 -35.82 -3.30
CA PRO C 103 18.07 -35.61 -3.13
C PRO C 103 17.66 -34.66 -1.99
N GLU C 104 18.00 -35.00 -0.76
CA GLU C 104 17.56 -34.21 0.39
C GLU C 104 18.71 -33.43 1.03
N SER C 105 19.59 -32.89 0.19
CA SER C 105 20.77 -32.18 0.67
C SER C 105 20.56 -30.67 0.67
N ALA C 106 19.43 -30.23 0.15
CA ALA C 106 19.11 -28.82 0.08
C ALA C 106 18.94 -28.20 1.46
N VAL C 107 19.65 -27.11 1.72
CA VAL C 107 19.55 -26.41 3.00
C VAL C 107 18.16 -25.80 3.14
N THR C 108 17.60 -25.88 4.34
CA THR C 108 16.23 -25.45 4.58
C THR C 108 16.14 -24.13 5.32
N GLU C 109 14.99 -23.47 5.18
CA GLU C 109 14.71 -22.21 5.87
C GLU C 109 15.75 -21.14 5.61
N LEU C 110 16.22 -21.06 4.37
CA LEU C 110 17.17 -20.03 3.97
C LEU C 110 16.50 -18.66 3.91
N GLN C 111 16.82 -17.82 4.88
CA GLN C 111 16.26 -16.47 4.94
C GLN C 111 17.38 -15.41 4.91
N CYS C 112 17.04 -14.22 4.43
CA CYS C 112 17.97 -13.11 4.41
C CYS C 112 17.27 -11.81 4.81
N ILE C 113 17.84 -11.10 5.78
CA ILE C 113 17.25 -9.86 6.25
C ILE C 113 18.23 -8.69 6.10
N TRP C 114 17.77 -7.63 5.45
CA TRP C 114 18.59 -6.44 5.25
C TRP C 114 18.50 -5.52 6.47
N HIS C 115 19.57 -5.49 7.26
CA HIS C 115 19.57 -4.73 8.51
C HIS C 115 19.91 -3.25 8.30
N ASN C 116 18.91 -2.39 8.50
CA ASN C 116 19.09 -0.95 8.50
C ASN C 116 19.76 -0.41 7.24
N LEU C 117 19.53 -1.10 6.12
CA LEU C 117 20.10 -0.73 4.82
C LEU C 117 21.63 -0.65 4.88
N SER C 118 22.23 -1.49 5.72
CA SER C 118 23.68 -1.49 5.90
C SER C 118 24.30 -2.83 5.54
N TYR C 119 23.78 -3.90 6.14
CA TYR C 119 24.31 -5.24 5.91
C TYR C 119 23.20 -6.28 5.81
N MET C 120 23.45 -7.30 4.99
CA MET C 120 22.52 -8.41 4.82
C MET C 120 22.98 -9.62 5.61
N LYS C 121 22.13 -10.11 6.52
CA LYS C 121 22.46 -11.30 7.31
C LYS C 121 21.57 -12.47 6.89
N CYS C 122 22.20 -13.54 6.43
CA CYS C 122 21.47 -14.72 5.97
C CYS C 122 21.68 -15.91 6.90
N SER C 123 20.67 -16.76 7.00
CA SER C 123 20.73 -17.93 7.86
C SER C 123 19.98 -19.10 7.24
N TRP C 124 20.42 -20.32 7.56
CA TRP C 124 19.78 -21.52 7.02
C TRP C 124 20.06 -22.74 7.90
N LEU C 125 19.35 -23.83 7.61
CA LEU C 125 19.53 -25.09 8.31
C LEU C 125 19.99 -26.17 7.33
N PRO C 126 20.81 -27.11 7.81
CA PRO C 126 21.30 -28.21 6.96
C PRO C 126 20.17 -29.09 6.44
N GLY C 127 20.37 -29.70 5.28
CA GLY C 127 19.39 -30.61 4.71
C GLY C 127 19.36 -31.93 5.45
N ARG C 128 18.31 -32.71 5.24
CA ARG C 128 18.18 -34.01 5.89
C ARG C 128 19.32 -34.94 5.50
N ASN C 129 19.61 -34.99 4.20
CA ASN C 129 20.73 -35.78 3.69
C ASN C 129 21.97 -34.92 3.54
N THR C 130 22.68 -34.70 4.64
CA THR C 130 23.86 -33.84 4.62
C THR C 130 25.08 -34.52 5.24
N SER C 131 26.17 -34.56 4.49
CA SER C 131 27.43 -35.11 4.99
C SER C 131 27.99 -34.21 6.08
N PRO C 132 28.52 -34.82 7.14
CA PRO C 132 29.06 -34.09 8.30
C PRO C 132 30.24 -33.19 7.94
N ASP C 133 30.99 -33.54 6.90
CA ASP C 133 32.18 -32.79 6.52
C ASP C 133 31.89 -31.71 5.48
N THR C 134 30.61 -31.44 5.24
CA THR C 134 30.22 -30.43 4.26
C THR C 134 30.47 -29.01 4.77
N ASN C 135 30.92 -28.14 3.89
CA ASN C 135 31.20 -26.75 4.24
C ASN C 135 30.37 -25.79 3.40
N TYR C 136 29.46 -25.08 4.04
CA TYR C 136 28.54 -24.18 3.35
C TYR C 136 29.21 -22.89 2.91
N THR C 137 28.83 -22.42 1.72
CA THR C 137 29.39 -21.19 1.17
C THR C 137 28.29 -20.37 0.51
N LEU C 138 28.10 -19.14 0.99
CA LEU C 138 27.06 -18.27 0.47
C LEU C 138 27.60 -17.29 -0.58
N TYR C 139 26.92 -17.22 -1.71
CA TYR C 139 27.30 -16.29 -2.77
C TYR C 139 26.16 -15.30 -3.02
N TYR C 140 26.51 -14.04 -3.22
CA TYR C 140 25.51 -13.02 -3.49
C TYR C 140 25.88 -12.19 -4.72
N TRP C 141 24.91 -11.46 -5.25
CA TRP C 141 25.12 -10.61 -6.41
C TRP C 141 23.99 -9.60 -6.59
N HIS C 142 24.35 -8.38 -6.97
CA HIS C 142 23.37 -7.39 -7.41
C HIS C 142 23.93 -6.62 -8.60
N ARG C 143 23.12 -5.74 -9.19
CA ARG C 143 23.47 -5.05 -10.42
C ARG C 143 24.76 -4.23 -10.31
N SER C 144 24.97 -3.62 -9.15
CA SER C 144 26.11 -2.73 -8.95
C SER C 144 27.44 -3.46 -8.90
N LEU C 145 27.41 -4.76 -8.63
CA LEU C 145 28.64 -5.54 -8.49
C LEU C 145 29.25 -5.91 -9.83
N GLU C 146 30.56 -6.09 -9.83
CA GLU C 146 31.30 -6.44 -11.05
C GLU C 146 31.23 -7.94 -11.32
N LYS C 147 31.13 -8.74 -10.25
CA LYS C 147 31.10 -10.18 -10.38
C LYS C 147 30.46 -10.83 -9.16
N ILE C 148 30.33 -12.15 -9.19
CA ILE C 148 29.76 -12.91 -8.07
C ILE C 148 30.68 -12.85 -6.86
N HIS C 149 30.14 -12.42 -5.73
CA HIS C 149 30.92 -12.29 -4.50
C HIS C 149 30.63 -13.41 -3.51
N GLN C 150 31.67 -13.89 -2.85
CA GLN C 150 31.55 -14.92 -1.84
C GLN C 150 31.58 -14.34 -0.43
N CYS C 151 30.47 -14.46 0.29
CA CYS C 151 30.40 -13.96 1.66
C CYS C 151 31.30 -14.80 2.56
N GLU C 152 32.24 -14.12 3.23
CA GLU C 152 33.24 -14.82 4.04
C GLU C 152 32.97 -14.69 5.53
N ASN C 153 32.17 -13.68 5.90
CA ASN C 153 31.83 -13.46 7.30
C ASN C 153 30.75 -14.43 7.78
N ILE C 154 31.10 -15.71 7.86
CA ILE C 154 30.17 -16.74 8.28
C ILE C 154 29.86 -16.66 9.77
N PHE C 155 28.74 -17.25 10.18
CA PHE C 155 28.40 -17.31 11.60
C PHE C 155 27.58 -18.56 11.91
N ARG C 156 27.54 -18.92 13.19
CA ARG C 156 26.80 -20.09 13.64
C ARG C 156 25.99 -19.82 14.91
N GLU C 157 24.71 -19.55 14.74
CA GLU C 157 23.82 -19.33 15.87
C GLU C 157 23.06 -20.60 16.20
N GLY C 158 23.70 -21.48 16.98
CA GLY C 158 23.10 -22.76 17.34
C GLY C 158 23.21 -23.78 16.22
N GLN C 159 22.08 -24.41 15.90
CA GLN C 159 22.03 -25.39 14.83
C GLN C 159 21.89 -24.70 13.48
N TYR C 160 21.75 -23.38 13.51
CA TYR C 160 21.67 -22.59 12.29
C TYR C 160 23.05 -22.24 11.75
N PHE C 161 23.21 -22.39 10.43
CA PHE C 161 24.40 -21.89 9.76
C PHE C 161 24.08 -20.56 9.09
N GLY C 162 25.07 -19.68 8.97
CA GLY C 162 24.81 -18.37 8.41
C GLY C 162 25.99 -17.64 7.83
N CYS C 163 25.72 -16.51 7.19
CA CYS C 163 26.74 -15.66 6.60
C CYS C 163 26.19 -14.25 6.41
N SER C 164 26.94 -13.25 6.88
CA SER C 164 26.48 -11.87 6.80
C SER C 164 27.45 -11.00 6.01
N PHE C 165 26.93 -10.31 4.99
CA PHE C 165 27.76 -9.43 4.17
C PHE C 165 27.20 -8.02 4.15
N ASP C 166 28.04 -7.06 3.75
CA ASP C 166 27.65 -5.66 3.72
C ASP C 166 26.84 -5.32 2.47
N LEU C 167 25.83 -4.48 2.64
CA LEU C 167 24.97 -4.08 1.54
C LEU C 167 24.37 -2.69 1.75
N THR C 168 24.90 -1.69 1.07
CA THR C 168 24.43 -0.32 1.21
C THR C 168 23.54 0.10 0.05
N LYS C 169 22.64 1.04 0.30
CA LYS C 169 21.68 1.50 -0.70
C LYS C 169 22.36 2.34 -1.78
N GLU C 176 14.40 -1.49 -14.10
CA GLU C 176 14.12 -0.68 -12.93
C GLU C 176 14.24 -1.48 -11.64
N GLN C 177 13.27 -2.35 -11.39
CA GLN C 177 13.25 -3.13 -10.16
C GLN C 177 14.39 -4.15 -10.12
N HIS C 178 15.29 -3.98 -9.16
CA HIS C 178 16.45 -4.86 -9.04
C HIS C 178 16.51 -5.51 -7.66
N SER C 179 16.97 -6.75 -7.62
CA SER C 179 17.02 -7.51 -6.38
C SER C 179 18.39 -8.10 -6.13
N VAL C 180 18.57 -8.72 -4.97
CA VAL C 180 19.82 -9.38 -4.62
C VAL C 180 19.67 -10.89 -4.67
N GLN C 181 20.51 -11.54 -5.46
CA GLN C 181 20.47 -12.99 -5.59
C GLN C 181 21.38 -13.65 -4.55
N ILE C 182 20.87 -14.71 -3.92
CA ILE C 182 21.64 -15.43 -2.91
C ILE C 182 21.67 -16.93 -3.21
N MET C 183 22.87 -17.49 -3.27
CA MET C 183 23.02 -18.93 -3.47
C MET C 183 23.86 -19.56 -2.37
N VAL C 184 23.35 -20.65 -1.81
CA VAL C 184 24.10 -21.41 -0.81
C VAL C 184 24.50 -22.77 -1.39
N LYS C 185 25.80 -22.95 -1.60
CA LYS C 185 26.32 -24.13 -2.27
C LYS C 185 27.66 -24.55 -1.67
N ASP C 186 27.89 -25.86 -1.59
CA ASP C 186 29.18 -26.36 -1.16
C ASP C 186 30.17 -26.36 -2.33
N ASN C 187 31.42 -26.02 -2.04
CA ASN C 187 32.45 -25.97 -3.07
C ASN C 187 32.85 -27.38 -3.51
N ALA C 188 32.47 -28.37 -2.72
CA ALA C 188 32.72 -29.77 -3.06
C ALA C 188 31.77 -30.22 -4.17
N GLY C 189 30.62 -29.57 -4.26
CA GLY C 189 29.63 -29.89 -5.27
C GLY C 189 28.93 -31.21 -5.00
N LYS C 190 28.59 -31.44 -3.73
CA LYS C 190 27.94 -32.68 -3.32
C LYS C 190 26.48 -32.46 -2.99
N ILE C 191 26.15 -31.28 -2.47
CA ILE C 191 24.78 -30.98 -2.08
C ILE C 191 24.08 -30.08 -3.09
N LYS C 192 22.75 -30.11 -3.08
CA LYS C 192 21.95 -29.26 -3.97
C LYS C 192 22.05 -27.79 -3.57
N PRO C 193 22.48 -26.94 -4.51
CA PRO C 193 22.54 -25.50 -4.29
C PRO C 193 21.15 -24.91 -4.07
N SER C 194 20.99 -24.10 -3.02
CA SER C 194 19.71 -23.45 -2.74
C SER C 194 19.78 -21.97 -3.10
N PHE C 195 18.68 -21.45 -3.63
CA PHE C 195 18.66 -20.06 -4.09
C PHE C 195 17.66 -19.21 -3.32
N ASN C 196 17.82 -17.90 -3.41
CA ASN C 196 16.94 -16.95 -2.77
C ASN C 196 17.07 -15.56 -3.39
N ILE C 197 15.96 -15.00 -3.84
CA ILE C 197 15.95 -13.65 -4.40
C ILE C 197 15.36 -12.69 -3.40
N VAL C 198 16.12 -11.65 -3.06
CA VAL C 198 15.67 -10.65 -2.11
C VAL C 198 15.61 -9.27 -2.74
N PRO C 199 14.39 -8.77 -3.01
CA PRO C 199 14.17 -7.42 -3.52
C PRO C 199 14.75 -6.37 -2.57
N LEU C 200 15.31 -5.30 -3.14
CA LEU C 200 15.97 -4.26 -2.35
C LEU C 200 14.98 -3.42 -1.55
N THR C 201 13.69 -3.68 -1.73
CA THR C 201 12.66 -2.93 -1.04
C THR C 201 11.92 -3.80 -0.03
N SER C 202 12.49 -4.97 0.28
CA SER C 202 11.88 -5.89 1.22
C SER C 202 12.90 -6.47 2.19
N ARG C 203 12.41 -7.23 3.17
CA ARG C 203 13.25 -7.87 4.17
C ARG C 203 14.15 -6.87 4.90
N VAL C 204 13.61 -5.68 5.17
CA VAL C 204 14.38 -4.62 5.80
C VAL C 204 14.07 -4.49 7.29
N LYS C 205 15.10 -4.65 8.12
CA LYS C 205 14.96 -4.47 9.56
C LYS C 205 15.75 -3.25 10.03
N PRO C 206 15.04 -2.16 10.34
CA PRO C 206 15.66 -0.90 10.79
C PRO C 206 16.33 -1.05 12.14
N ASP C 207 17.02 0.01 12.58
CA ASP C 207 17.62 0.03 13.91
C ASP C 207 16.60 0.55 14.91
N PRO C 208 16.81 0.26 16.20
CA PRO C 208 15.90 0.81 17.22
C PRO C 208 15.98 2.34 17.27
N PRO C 209 14.82 3.01 17.39
CA PRO C 209 14.76 4.46 17.48
C PRO C 209 15.32 4.99 18.80
N HIS C 210 15.42 6.30 18.93
CA HIS C 210 15.95 6.91 20.15
C HIS C 210 14.97 7.92 20.72
N ILE C 211 14.49 7.65 21.93
CA ILE C 211 13.56 8.55 22.61
C ILE C 211 14.26 9.82 23.08
N LYS C 212 13.73 10.97 22.70
CA LYS C 212 14.35 12.24 23.04
C LYS C 212 13.76 12.85 24.32
N ASN C 213 12.44 12.77 24.47
CA ASN C 213 11.80 13.35 25.65
C ASN C 213 10.42 12.78 25.95
N LEU C 214 10.04 12.87 27.22
CA LEU C 214 8.70 12.52 27.68
C LEU C 214 8.12 13.72 28.43
N SER C 215 6.94 14.16 28.03
CA SER C 215 6.33 15.33 28.64
C SER C 215 4.86 15.12 28.95
N PHE C 216 4.40 15.68 30.07
CA PHE C 216 3.02 15.51 30.50
C PHE C 216 2.18 16.77 30.29
N HIS C 217 0.92 16.56 29.94
CA HIS C 217 -0.07 17.62 29.88
C HIS C 217 -1.35 17.08 30.51
N ASN C 218 -1.58 17.46 31.76
CA ASN C 218 -2.64 16.85 32.58
C ASN C 218 -2.46 15.35 32.65
N ASP C 219 -3.36 14.60 32.03
CA ASP C 219 -3.28 13.15 32.01
C ASP C 219 -2.77 12.62 30.67
N ASP C 220 -2.25 13.51 29.84
CA ASP C 220 -1.76 13.14 28.52
C ASP C 220 -0.23 13.12 28.49
N LEU C 221 0.33 12.04 27.96
CA LEU C 221 1.79 11.88 27.90
C LEU C 221 2.30 11.96 26.46
N TYR C 222 3.09 12.99 26.18
CA TYR C 222 3.66 13.18 24.85
C TYR C 222 5.01 12.51 24.73
N VAL C 223 5.08 11.50 23.87
CA VAL C 223 6.32 10.77 23.62
C VAL C 223 6.98 11.26 22.34
N GLN C 224 8.23 11.73 22.45
CA GLN C 224 8.97 12.20 21.30
C GLN C 224 10.29 11.46 21.14
N TRP C 225 10.45 10.80 20.00
CA TRP C 225 11.66 10.02 19.73
C TRP C 225 12.29 10.43 18.41
N GLU C 226 13.35 9.71 18.02
CA GLU C 226 13.97 9.94 16.72
C GLU C 226 14.15 8.64 15.95
N ASN C 227 13.70 8.63 14.71
CA ASN C 227 13.84 7.48 13.84
C ASN C 227 15.29 7.27 13.42
N PRO C 228 15.63 6.05 12.93
CA PRO C 228 16.97 5.81 12.41
C PRO C 228 17.34 6.76 11.28
N GLN C 229 18.64 7.01 11.12
CA GLN C 229 19.12 8.01 10.16
C GLN C 229 18.81 7.63 8.71
N ASN C 230 18.70 6.33 8.44
CA ASN C 230 18.48 5.84 7.08
C ASN C 230 17.00 5.65 6.75
N PHE C 231 16.12 6.15 7.61
CA PHE C 231 14.69 6.02 7.41
C PHE C 231 13.96 7.33 7.70
N ILE C 232 13.02 7.69 6.82
CA ILE C 232 12.23 8.90 7.03
C ILE C 232 10.93 8.58 7.75
N SER C 233 10.23 9.61 8.19
CA SER C 233 9.06 9.47 9.06
C SER C 233 7.90 8.69 8.42
N ARG C 234 7.56 9.06 7.19
CA ARG C 234 6.37 8.53 6.53
C ARG C 234 6.53 7.08 6.04
N CYS C 235 7.76 6.57 6.05
CA CYS C 235 8.02 5.22 5.59
C CYS C 235 8.03 4.20 6.73
N LEU C 236 7.61 4.63 7.91
CA LEU C 236 7.70 3.77 9.09
C LEU C 236 6.38 3.64 9.85
N PHE C 237 6.06 2.40 10.24
CA PHE C 237 4.93 2.12 11.12
C PHE C 237 5.49 2.04 12.54
N TYR C 238 4.77 2.64 13.49
CA TYR C 238 5.30 2.76 14.85
C TYR C 238 4.50 1.95 15.87
N GLU C 239 5.21 1.49 16.90
CA GLU C 239 4.58 0.82 18.04
C GLU C 239 5.12 1.36 19.35
N VAL C 240 4.23 1.89 20.18
CA VAL C 240 4.64 2.49 21.45
C VAL C 240 4.23 1.63 22.63
N GLU C 241 5.20 1.31 23.48
CA GLU C 241 4.96 0.48 24.66
C GLU C 241 5.04 1.32 25.93
N VAL C 242 4.02 1.19 26.78
CA VAL C 242 4.00 1.91 28.05
C VAL C 242 3.76 0.97 29.22
N ASN C 243 4.83 0.69 29.97
CA ASN C 243 4.74 -0.20 31.12
C ASN C 243 4.64 0.58 32.44
N ASN C 244 3.61 0.29 33.22
CA ASN C 244 3.43 0.92 34.51
C ASN C 244 3.79 -0.03 35.66
N SER C 245 4.42 0.51 36.69
CA SER C 245 4.91 -0.30 37.80
C SER C 245 3.83 -0.56 38.85
N GLN C 246 3.13 0.49 39.25
CA GLN C 246 2.14 0.41 40.32
C GLN C 246 0.90 -0.39 39.91
N THR C 247 0.45 -0.18 38.68
CA THR C 247 -0.79 -0.80 38.22
C THR C 247 -0.53 -2.12 37.49
N GLU C 248 0.74 -2.53 37.44
CA GLU C 248 1.16 -3.78 36.80
C GLU C 248 0.70 -3.86 35.35
N THR C 249 0.61 -2.71 34.69
CA THR C 249 0.04 -2.63 33.36
C THR C 249 1.10 -2.73 32.26
N HIS C 250 0.76 -3.46 31.19
CA HIS C 250 1.64 -3.60 30.04
C HIS C 250 0.91 -3.16 28.77
N ASN C 251 0.68 -1.86 28.64
CA ASN C 251 -0.03 -1.32 27.49
C ASN C 251 0.81 -1.33 26.22
N VAL C 252 0.14 -1.20 25.07
CA VAL C 252 0.82 -1.19 23.78
C VAL C 252 -0.04 -0.46 22.74
N PHE C 253 0.58 0.42 21.97
CA PHE C 253 -0.15 1.22 20.98
C PHE C 253 0.47 1.07 19.59
N TYR C 254 -0.40 1.00 18.58
CA TYR C 254 0.07 0.91 17.20
C TYR C 254 -0.28 2.19 16.44
N VAL C 255 0.74 2.82 15.87
CA VAL C 255 0.56 4.12 15.23
C VAL C 255 0.91 4.10 13.75
N GLN C 256 -0.02 4.57 12.92
CA GLN C 256 0.19 4.65 11.48
C GLN C 256 1.24 5.70 11.14
N GLU C 257 1.00 6.93 11.59
CA GLU C 257 1.97 8.01 11.41
C GLU C 257 1.95 8.96 12.61
N ALA C 258 3.12 9.44 12.99
CA ALA C 258 3.25 10.27 14.18
C ALA C 258 3.97 11.59 13.87
N LYS C 259 3.24 12.69 13.95
CA LYS C 259 3.81 14.01 13.70
C LYS C 259 3.73 14.88 14.95
N CYS C 260 4.59 15.90 15.00
CA CYS C 260 4.63 16.80 16.15
C CYS C 260 3.58 17.89 16.03
N GLU C 261 2.62 17.88 16.96
CA GLU C 261 1.49 18.79 16.90
C GLU C 261 1.61 19.97 17.87
N ASN C 262 1.87 19.66 19.14
CA ASN C 262 1.93 20.69 20.18
C ASN C 262 3.38 20.99 20.58
N PRO C 263 3.89 22.15 20.14
CA PRO C 263 5.28 22.57 20.38
C PRO C 263 5.57 22.88 21.85
N GLU C 264 4.52 23.03 22.65
CA GLU C 264 4.69 23.35 24.07
C GLU C 264 5.37 22.20 24.82
N PHE C 265 5.06 20.97 24.41
CA PHE C 265 5.58 19.80 25.10
C PHE C 265 6.50 18.98 24.22
N GLU C 266 7.16 19.64 23.27
CA GLU C 266 8.02 18.95 22.32
C GLU C 266 9.27 19.78 21.97
N ARG C 267 10.38 19.09 21.76
CA ARG C 267 11.62 19.72 21.30
C ARG C 267 11.48 20.18 19.85
N ASN C 268 12.46 20.94 19.38
CA ASN C 268 12.38 21.50 18.03
C ASN C 268 13.27 20.78 17.01
N VAL C 269 13.71 19.58 17.35
CA VAL C 269 14.48 18.76 16.42
C VAL C 269 13.57 18.30 15.28
N GLU C 270 14.01 18.51 14.05
CA GLU C 270 13.13 18.34 12.89
C GLU C 270 13.11 16.92 12.33
N ASN C 271 13.87 16.01 12.93
CA ASN C 271 13.86 14.61 12.49
C ASN C 271 13.08 13.74 13.46
N THR C 272 12.41 14.39 14.40
CA THR C 272 11.70 13.67 15.47
C THR C 272 10.22 13.46 15.16
N SER C 273 9.69 12.31 15.57
CA SER C 273 8.27 12.02 15.47
C SER C 273 7.64 12.03 16.87
N CYS C 274 6.37 12.39 16.95
CA CYS C 274 5.72 12.57 18.24
C CYS C 274 4.40 11.82 18.35
N PHE C 275 4.19 11.18 19.50
CA PHE C 275 2.94 10.48 19.77
C PHE C 275 2.45 10.79 21.19
N MET C 276 1.14 10.98 21.33
CA MET C 276 0.54 11.33 22.62
C MET C 276 -0.26 10.16 23.21
N VAL C 277 0.05 9.82 24.45
CA VAL C 277 -0.66 8.75 25.16
C VAL C 277 -1.61 9.33 26.21
N PRO C 278 -2.92 9.19 25.97
CA PRO C 278 -3.94 9.72 26.88
C PRO C 278 -4.14 8.85 28.12
N GLY C 279 -4.64 9.45 29.20
CA GLY C 279 -4.94 8.71 30.42
C GLY C 279 -3.72 8.16 31.13
N VAL C 280 -2.70 8.98 31.28
CA VAL C 280 -1.48 8.58 31.99
C VAL C 280 -1.18 9.58 33.11
N LEU C 281 -0.93 9.06 34.31
CA LEU C 281 -0.69 9.91 35.47
C LEU C 281 0.79 10.00 35.81
N PRO C 282 1.23 11.19 36.27
CA PRO C 282 2.59 11.40 36.79
C PRO C 282 2.73 10.82 38.19
N ASP C 283 1.61 10.40 38.76
CA ASP C 283 1.57 9.85 40.11
C ASP C 283 2.34 8.53 40.20
N THR C 284 2.43 7.83 39.07
CA THR C 284 3.14 6.56 39.02
C THR C 284 4.28 6.62 38.00
N LEU C 285 5.22 5.68 38.12
CA LEU C 285 6.34 5.61 37.21
C LEU C 285 5.95 4.91 35.91
N ASN C 286 6.18 5.59 34.79
CA ASN C 286 5.85 5.04 33.48
C ASN C 286 7.08 4.85 32.60
N THR C 287 7.33 3.60 32.22
CA THR C 287 8.47 3.29 31.36
C THR C 287 8.00 3.14 29.91
N VAL C 288 8.74 3.76 28.98
CA VAL C 288 8.33 3.79 27.58
C VAL C 288 9.40 3.24 26.64
N ARG C 289 8.99 2.34 25.75
CA ARG C 289 9.85 1.86 24.69
C ARG C 289 9.18 2.06 23.33
N ILE C 290 9.99 2.28 22.30
CA ILE C 290 9.46 2.50 20.96
C ILE C 290 10.01 1.46 19.97
N ARG C 291 9.10 0.84 19.22
CA ARG C 291 9.50 -0.12 18.19
C ARG C 291 9.09 0.41 16.81
N VAL C 292 9.90 0.10 15.80
CA VAL C 292 9.70 0.66 14.47
C VAL C 292 9.82 -0.38 13.35
N LYS C 293 8.84 -0.40 12.46
CA LYS C 293 8.90 -1.24 11.26
C LYS C 293 8.56 -0.41 10.02
N THR C 294 8.83 -0.96 8.84
CA THR C 294 8.52 -0.29 7.59
C THR C 294 7.08 -0.56 7.17
N ASN C 295 6.46 0.39 6.48
CA ASN C 295 5.09 0.22 6.00
C ASN C 295 5.05 -0.25 4.55
N LYS C 296 3.84 -0.50 4.06
CA LYS C 296 3.65 -0.95 2.68
C LYS C 296 3.70 0.22 1.70
N LEU C 297 3.81 1.44 2.23
CA LEU C 297 3.81 2.63 1.41
C LEU C 297 5.18 2.88 0.76
N CYS C 298 6.25 2.53 1.46
CA CYS C 298 7.59 2.78 0.97
C CYS C 298 8.35 1.49 0.67
N TYR C 299 8.04 0.44 1.41
CA TYR C 299 8.72 -0.85 1.25
C TYR C 299 7.72 -1.98 1.03
N GLU C 300 8.22 -3.15 0.65
CA GLU C 300 7.36 -4.26 0.27
C GLU C 300 6.87 -5.11 1.44
N ASP C 301 7.50 -4.98 2.60
CA ASP C 301 7.16 -5.83 3.73
C ASP C 301 7.01 -5.06 5.04
N ASP C 302 6.04 -5.47 5.84
CA ASP C 302 5.80 -4.87 7.14
C ASP C 302 5.75 -5.94 8.22
N LYS C 303 6.60 -6.95 8.09
CA LYS C 303 6.61 -8.07 9.01
C LYS C 303 7.75 -7.96 10.02
N LEU C 304 8.82 -7.28 9.63
CA LEU C 304 10.03 -7.19 10.45
C LEU C 304 10.06 -5.95 11.34
N TRP C 305 9.93 -6.16 12.65
CA TRP C 305 10.09 -5.08 13.61
C TRP C 305 11.57 -4.87 13.92
N SER C 306 11.94 -3.64 14.24
CA SER C 306 13.28 -3.37 14.74
C SER C 306 13.33 -3.76 16.21
N ASN C 307 14.53 -3.80 16.78
CA ASN C 307 14.64 -4.04 18.21
C ASN C 307 14.02 -2.89 18.98
N TRP C 308 13.56 -3.16 20.20
CA TRP C 308 12.96 -2.11 21.02
C TRP C 308 13.97 -1.04 21.39
N SER C 309 13.50 0.19 21.51
CA SER C 309 14.34 1.30 21.91
C SER C 309 14.71 1.19 23.37
N GLN C 310 15.74 1.92 23.78
CA GLN C 310 16.14 1.95 25.19
C GLN C 310 15.04 2.56 26.04
N GLU C 311 14.88 2.06 27.25
CA GLU C 311 13.81 2.51 28.14
C GLU C 311 14.00 3.96 28.59
N MET C 312 12.90 4.68 28.69
CA MET C 312 12.89 6.03 29.23
C MET C 312 11.73 6.17 30.20
N SER C 313 12.03 6.50 31.45
CA SER C 313 11.00 6.54 32.48
C SER C 313 10.58 7.97 32.82
N ILE C 314 9.39 8.10 33.39
CA ILE C 314 8.88 9.38 33.84
C ILE C 314 7.76 9.16 34.85
N GLY C 315 7.65 10.05 35.83
CA GLY C 315 6.65 9.94 36.87
C GLY C 315 7.26 9.65 38.22
N LYS C 316 6.41 9.59 39.24
CA LYS C 316 6.87 9.33 40.60
C LYS C 316 7.41 7.92 40.77
N LYS C 317 8.62 7.82 41.32
CA LYS C 317 9.26 6.54 41.56
C LYS C 317 8.76 5.94 42.88
N ARG C 318 8.89 4.63 43.02
CA ARG C 318 8.41 3.93 44.21
C ARG C 318 9.20 4.31 45.45
#